data_3V8T
#
_entry.id   3V8T
#
_cell.length_a   145.702
_cell.length_b   69.684
_cell.length_c   68.224
_cell.angle_alpha   90.00
_cell.angle_beta   107.78
_cell.angle_gamma   90.00
#
_symmetry.space_group_name_H-M   'C 1 2 1'
#
loop_
_entity.id
_entity.type
_entity.pdbx_description
1 polymer 'Tyrosine-protein kinase ITK/TSK'
2 non-polymer 3-{2-[5-(difluoromethyl)-2H-thieno[3,2-c]pyrazol-3-yl]-1H-indol-6-yl}pentan-3-ol
3 non-polymer 'SULFATE ION'
4 water water
#
_entity_poly.entity_id   1
_entity_poly.type   'polypeptide(L)'
_entity_poly.pdbx_seq_one_letter_code
;GSVIDPSELTFVQEIGSGQFGLVHLGYWLNKDKVAIKTIREGAMSEEDFIEEAEVMMKLSHPKLVQLYGVCLEQAPICLV
FEFMEHGCLSDYLRTQRGLFAAETLLGMCLDVCEGMAYLEEACVIHRDLAARNCLVGENQVIKVSDFGMTRFVLDDQYTS
STGTKFPVKWASPEVFSFSRYSSKSDVWSFGVLMWEVFSEGKIPYENRSNSEVVEDISTGFRLYKPRLASTHVYQIMNHC
WKERPEDRPAFSRLLRQLAEIAESGL
;
_entity_poly.pdbx_strand_id   A,B
#
# COMPACT_ATOMS: atom_id res chain seq x y z
N GLY A 1 10.76 -12.12 3.06
CA GLY A 1 10.93 -12.39 4.48
C GLY A 1 9.77 -11.90 5.31
N SER A 2 9.99 -10.80 6.08
CA SER A 2 9.03 -10.15 6.98
C SER A 2 8.42 -11.11 8.01
N VAL A 3 9.29 -11.90 8.67
CA VAL A 3 8.87 -12.87 9.68
C VAL A 3 8.45 -12.18 11.00
N ILE A 4 7.22 -12.50 11.45
CA ILE A 4 6.62 -11.98 12.69
C ILE A 4 6.54 -13.10 13.72
N ASP A 5 7.03 -12.83 14.95
CA ASP A 5 7.00 -13.77 16.07
C ASP A 5 5.54 -13.93 16.57
N PRO A 6 5.08 -15.16 16.95
CA PRO A 6 3.68 -15.31 17.41
C PRO A 6 3.24 -14.43 18.58
N SER A 7 4.18 -14.14 19.51
CA SER A 7 3.94 -13.30 20.70
C SER A 7 3.55 -11.85 20.37
N GLU A 8 3.85 -11.38 19.13
CA GLU A 8 3.54 -10.04 18.65
C GLU A 8 2.10 -9.91 18.16
N LEU A 9 1.41 -11.05 17.96
CA LEU A 9 0.03 -11.08 17.49
C LEU A 9 -0.96 -11.34 18.61
N THR A 10 -2.06 -10.56 18.60
CA THR A 10 -3.17 -10.69 19.55
C THR A 10 -4.39 -11.08 18.72
N PHE A 11 -4.96 -12.27 18.97
CA PHE A 11 -6.14 -12.76 18.25
C PHE A 11 -7.39 -12.30 19.00
N VAL A 12 -8.22 -11.48 18.34
CA VAL A 12 -9.42 -10.89 18.94
C VAL A 12 -10.69 -11.68 18.62
N GLN A 13 -11.02 -11.86 17.32
CA GLN A 13 -12.25 -12.50 16.90
C GLN A 13 -12.16 -13.16 15.53
N GLU A 14 -12.75 -14.36 15.39
CA GLU A 14 -12.83 -15.05 14.10
C GLU A 14 -13.87 -14.30 13.26
N ILE A 15 -13.47 -13.82 12.08
CA ILE A 15 -14.33 -13.03 11.20
C ILE A 15 -14.61 -13.69 9.83
N GLY A 16 -13.90 -14.78 9.54
CA GLY A 16 -14.03 -15.52 8.29
C GLY A 16 -13.49 -16.93 8.38
N SER A 17 -14.02 -17.83 7.52
CA SER A 17 -13.62 -19.24 7.45
C SER A 17 -13.54 -19.73 6.01
N GLY A 21 -8.00 -20.68 4.69
CA GLY A 21 -8.33 -21.12 6.03
C GLY A 21 -9.21 -20.14 6.79
N LEU A 22 -8.88 -19.90 8.07
CA LEU A 22 -9.63 -19.00 8.96
C LEU A 22 -9.05 -17.59 8.93
N VAL A 23 -9.92 -16.58 9.07
CA VAL A 23 -9.54 -15.17 9.11
C VAL A 23 -9.93 -14.61 10.48
N HIS A 24 -8.96 -14.03 11.20
CA HIS A 24 -9.17 -13.45 12.52
C HIS A 24 -8.87 -11.97 12.55
N LEU A 25 -9.71 -11.19 13.25
CA LEU A 25 -9.46 -9.79 13.50
C LEU A 25 -8.46 -9.81 14.66
N GLY A 26 -7.39 -9.04 14.52
CA GLY A 26 -6.35 -9.02 15.55
C GLY A 26 -5.54 -7.74 15.60
N TYR A 27 -4.49 -7.76 16.43
CA TYR A 27 -3.57 -6.65 16.60
C TYR A 27 -2.13 -7.12 16.49
N TRP A 28 -1.28 -6.33 15.83
CA TRP A 28 0.15 -6.60 15.72
C TRP A 28 0.86 -5.56 16.57
N LEU A 29 1.70 -6.02 17.52
CA LEU A 29 2.46 -5.19 18.46
C LEU A 29 1.54 -4.33 19.35
N ASN A 30 0.30 -4.82 19.62
CA ASN A 30 -0.75 -4.14 20.39
C ASN A 30 -1.06 -2.74 19.84
N LYS A 31 -0.89 -2.56 18.51
CA LYS A 31 -1.07 -1.28 17.85
C LYS A 31 -1.94 -1.35 16.58
N ASP A 32 -1.43 -2.01 15.52
CA ASP A 32 -2.14 -2.08 14.23
C ASP A 32 -3.20 -3.13 14.20
N LYS A 33 -4.40 -2.74 13.72
CA LYS A 33 -5.53 -3.64 13.51
C LYS A 33 -5.14 -4.47 12.28
N VAL A 34 -5.19 -5.80 12.41
CA VAL A 34 -4.78 -6.71 11.34
C VAL A 34 -5.81 -7.81 11.09
N ALA A 35 -5.77 -8.42 9.89
CA ALA A 35 -6.57 -9.58 9.53
C ALA A 35 -5.58 -10.72 9.41
N ILE A 36 -5.62 -11.64 10.38
CA ILE A 36 -4.70 -12.77 10.47
C ILE A 36 -5.33 -13.98 9.78
N LYS A 37 -4.71 -14.45 8.70
CA LYS A 37 -5.19 -15.60 7.93
C LYS A 37 -4.41 -16.86 8.31
N THR A 38 -5.02 -17.73 9.13
CA THR A 38 -4.42 -18.99 9.56
C THR A 38 -4.70 -20.07 8.53
N ILE A 39 -3.66 -20.85 8.17
CA ILE A 39 -3.73 -21.92 7.17
C ILE A 39 -4.72 -23.04 7.59
N ARG A 40 -5.40 -23.63 6.59
CA ARG A 40 -6.29 -24.77 6.79
C ARG A 40 -5.39 -25.99 6.66
N GLU A 41 -5.28 -26.79 7.75
CA GLU A 41 -4.43 -27.99 7.86
C GLU A 41 -4.53 -28.97 6.67
N GLY A 42 -5.72 -29.11 6.10
CA GLY A 42 -5.97 -29.99 4.97
C GLY A 42 -5.52 -29.45 3.63
N ALA A 43 -6.19 -28.40 3.14
CA ALA A 43 -5.92 -27.77 1.84
C ALA A 43 -4.65 -26.92 1.81
N MET A 44 -3.84 -27.09 0.75
CA MET A 44 -2.57 -26.39 0.45
C MET A 44 -1.43 -26.63 1.43
N SER A 45 -0.19 -26.65 0.91
CA SER A 45 1.02 -26.84 1.70
C SER A 45 1.44 -25.53 2.38
N GLU A 46 2.23 -25.63 3.45
CA GLU A 46 2.77 -24.51 4.22
C GLU A 46 3.69 -23.63 3.35
N GLU A 47 4.46 -24.28 2.45
CA GLU A 47 5.42 -23.65 1.52
C GLU A 47 4.75 -22.76 0.48
N ASP A 48 3.62 -23.24 -0.11
CA ASP A 48 2.86 -22.49 -1.13
C ASP A 48 2.17 -21.27 -0.52
N PHE A 49 1.70 -21.40 0.74
CA PHE A 49 1.03 -20.38 1.54
C PHE A 49 1.97 -19.19 1.78
N ILE A 50 3.25 -19.47 2.10
CA ILE A 50 4.29 -18.47 2.34
C ILE A 50 4.78 -17.84 1.03
N GLU A 51 4.93 -18.64 -0.04
CA GLU A 51 5.36 -18.17 -1.36
C GLU A 51 4.36 -17.16 -1.94
N GLU A 52 3.05 -17.39 -1.69
CA GLU A 52 1.93 -16.53 -2.09
C GLU A 52 2.10 -15.13 -1.44
N ALA A 53 2.48 -15.10 -0.15
CA ALA A 53 2.71 -13.88 0.60
C ALA A 53 3.95 -13.14 0.11
N GLU A 54 5.03 -13.88 -0.24
CA GLU A 54 6.29 -13.33 -0.75
C GLU A 54 6.07 -12.59 -2.08
N VAL A 55 5.19 -13.14 -2.93
CA VAL A 55 4.81 -12.56 -4.23
C VAL A 55 4.02 -11.25 -4.00
N MET A 56 3.03 -11.30 -3.09
CA MET A 56 2.17 -10.16 -2.75
C MET A 56 2.93 -8.99 -2.11
N MET A 57 3.96 -9.30 -1.29
CA MET A 57 4.76 -8.26 -0.62
C MET A 57 5.67 -7.46 -1.57
N LYS A 58 5.82 -7.93 -2.82
CA LYS A 58 6.61 -7.25 -3.85
C LYS A 58 5.73 -6.61 -4.94
N LEU A 59 4.40 -6.59 -4.73
CA LEU A 59 3.44 -6.00 -5.67
C LEU A 59 2.71 -4.85 -4.97
N SER A 60 3.15 -3.61 -5.26
CA SER A 60 2.62 -2.40 -4.63
C SER A 60 1.72 -1.56 -5.51
N HIS A 61 0.40 -1.63 -5.25
CA HIS A 61 -0.61 -0.86 -5.96
C HIS A 61 -1.74 -0.47 -4.98
N PRO A 62 -2.31 0.77 -5.06
CA PRO A 62 -3.38 1.16 -4.12
C PRO A 62 -4.63 0.27 -4.13
N LYS A 63 -4.80 -0.56 -5.17
CA LYS A 63 -5.96 -1.44 -5.32
C LYS A 63 -5.64 -2.92 -5.14
N LEU A 64 -4.51 -3.21 -4.46
CA LEU A 64 -4.10 -4.57 -4.12
C LEU A 64 -3.82 -4.62 -2.63
N VAL A 65 -4.39 -5.61 -1.93
CA VAL A 65 -4.22 -5.79 -0.49
C VAL A 65 -2.73 -5.89 -0.08
N GLN A 66 -2.40 -5.34 1.09
CA GLN A 66 -1.04 -5.33 1.61
C GLN A 66 -0.89 -6.19 2.84
N LEU A 67 0.34 -6.67 3.08
CA LEU A 67 0.68 -7.52 4.20
C LEU A 67 1.70 -6.85 5.11
N TYR A 68 1.62 -7.14 6.41
CA TYR A 68 2.58 -6.66 7.39
C TYR A 68 3.71 -7.69 7.49
N GLY A 69 3.37 -8.96 7.29
CA GLY A 69 4.33 -10.05 7.33
C GLY A 69 3.73 -11.43 7.46
N VAL A 70 4.59 -12.40 7.83
CA VAL A 70 4.24 -13.81 7.98
C VAL A 70 4.64 -14.36 9.35
N CYS A 71 3.83 -15.26 9.89
CA CYS A 71 4.11 -15.93 11.17
C CYS A 71 4.45 -17.39 10.84
N LEU A 72 5.75 -17.71 10.89
CA LEU A 72 6.36 -19.00 10.51
C LEU A 72 6.60 -20.01 11.62
N GLU A 73 7.02 -19.51 12.81
CA GLU A 73 7.39 -20.28 14.01
C GLU A 73 6.64 -21.58 14.30
N GLN A 74 5.31 -21.52 14.50
CA GLN A 74 4.52 -22.70 14.84
C GLN A 74 3.28 -22.93 13.99
N ALA A 75 2.86 -24.21 13.85
CA ALA A 75 1.67 -24.60 13.11
C ALA A 75 0.41 -24.37 13.98
N PRO A 76 -0.70 -23.80 13.43
CA PRO A 76 -0.89 -23.37 12.03
C PRO A 76 -0.26 -22.01 11.72
N ILE A 77 0.50 -21.96 10.61
CA ILE A 77 1.17 -20.73 10.15
C ILE A 77 0.14 -19.72 9.65
N CYS A 78 0.48 -18.42 9.74
CA CYS A 78 -0.45 -17.39 9.33
C CYS A 78 0.15 -16.20 8.59
N LEU A 79 -0.67 -15.55 7.76
CA LEU A 79 -0.30 -14.35 7.02
C LEU A 79 -0.94 -13.18 7.74
N VAL A 80 -0.19 -12.09 7.92
CA VAL A 80 -0.65 -10.91 8.64
C VAL A 80 -0.96 -9.81 7.63
N PHE A 81 -2.26 -9.63 7.32
CA PHE A 81 -2.73 -8.64 6.35
C PHE A 81 -3.18 -7.36 7.02
N GLU A 82 -3.25 -6.26 6.25
CA GLU A 82 -3.82 -5.00 6.71
C GLU A 82 -5.32 -5.29 6.90
N PHE A 83 -5.96 -4.64 7.86
CA PHE A 83 -7.38 -4.88 8.10
C PHE A 83 -8.24 -4.01 7.18
N MET A 84 -9.16 -4.64 6.45
CA MET A 84 -10.10 -3.96 5.57
C MET A 84 -11.44 -3.92 6.28
N GLU A 85 -11.86 -2.69 6.68
CA GLU A 85 -13.06 -2.40 7.47
C GLU A 85 -14.38 -3.06 7.08
N HIS A 86 -14.64 -3.20 5.77
CA HIS A 86 -15.93 -3.77 5.32
C HIS A 86 -15.93 -5.20 4.79
N GLY A 87 -14.84 -5.94 5.04
CA GLY A 87 -14.70 -7.34 4.65
C GLY A 87 -14.73 -7.61 3.17
N CYS A 88 -15.07 -8.87 2.79
CA CYS A 88 -15.10 -9.25 1.38
CA CYS A 88 -15.15 -9.33 1.40
C CYS A 88 -16.25 -8.62 0.62
N LEU A 89 -15.98 -8.24 -0.64
CA LEU A 89 -16.92 -7.57 -1.53
C LEU A 89 -18.23 -8.32 -1.74
N SER A 90 -18.18 -9.65 -1.90
CA SER A 90 -19.36 -10.50 -2.10
C SER A 90 -20.38 -10.31 -0.95
N ASP A 91 -19.90 -10.37 0.31
CA ASP A 91 -20.74 -10.18 1.50
C ASP A 91 -21.24 -8.73 1.62
N TYR A 92 -20.36 -7.73 1.39
CA TYR A 92 -20.69 -6.31 1.45
C TYR A 92 -21.79 -5.90 0.47
N LEU A 93 -21.76 -6.44 -0.76
CA LEU A 93 -22.75 -6.15 -1.80
C LEU A 93 -24.16 -6.65 -1.39
N ARG A 94 -24.22 -7.85 -0.78
CA ARG A 94 -25.47 -8.48 -0.32
C ARG A 94 -26.06 -7.78 0.90
N THR A 95 -25.20 -7.40 1.89
CA THR A 95 -25.64 -6.72 3.12
C THR A 95 -26.14 -5.29 2.85
N GLN A 96 -25.50 -4.58 1.90
CA GLN A 96 -25.88 -3.22 1.55
C GLN A 96 -26.73 -3.14 0.26
N ARG A 97 -27.37 -4.27 -0.12
CA ARG A 97 -28.22 -4.38 -1.31
C ARG A 97 -29.41 -3.42 -1.23
N GLY A 98 -29.61 -2.67 -2.31
CA GLY A 98 -30.69 -1.68 -2.42
C GLY A 98 -30.28 -0.28 -2.03
N LEU A 99 -29.07 -0.13 -1.44
CA LEU A 99 -28.52 1.15 -0.99
C LEU A 99 -27.45 1.70 -1.94
N PHE A 100 -27.09 0.94 -3.00
CA PHE A 100 -26.07 1.33 -3.96
C PHE A 100 -26.61 2.07 -5.17
N ALA A 101 -25.89 3.11 -5.57
CA ALA A 101 -26.15 3.86 -6.80
C ALA A 101 -25.30 3.16 -7.86
N ALA A 102 -25.71 3.23 -9.15
CA ALA A 102 -24.99 2.60 -10.26
C ALA A 102 -23.56 3.13 -10.41
N GLU A 103 -23.34 4.41 -10.07
CA GLU A 103 -22.05 5.10 -10.11
C GLU A 103 -21.05 4.48 -9.11
N THR A 104 -21.54 4.07 -7.92
CA THR A 104 -20.74 3.44 -6.87
C THR A 104 -20.31 2.05 -7.32
N LEU A 105 -21.23 1.28 -7.93
CA LEU A 105 -20.98 -0.06 -8.44
C LEU A 105 -19.95 -0.05 -9.57
N LEU A 106 -19.99 0.99 -10.44
CA LEU A 106 -19.02 1.15 -11.53
C LEU A 106 -17.64 1.49 -10.96
N GLY A 107 -17.60 2.32 -9.91
CA GLY A 107 -16.39 2.72 -9.19
C GLY A 107 -15.68 1.53 -8.57
N MET A 108 -16.47 0.55 -8.07
CA MET A 108 -15.97 -0.70 -7.49
C MET A 108 -15.28 -1.53 -8.58
N CYS A 109 -15.91 -1.60 -9.77
CA CYS A 109 -15.38 -2.31 -10.95
C CYS A 109 -14.11 -1.64 -11.44
N LEU A 110 -14.06 -0.30 -11.40
CA LEU A 110 -12.89 0.48 -11.79
C LEU A 110 -11.71 0.22 -10.85
N ASP A 111 -11.98 0.10 -9.53
CA ASP A 111 -10.97 -0.21 -8.50
C ASP A 111 -10.32 -1.56 -8.78
N VAL A 112 -11.14 -2.60 -9.01
CA VAL A 112 -10.68 -3.97 -9.31
C VAL A 112 -9.84 -3.94 -10.60
N CYS A 113 -10.38 -3.30 -11.66
CA CYS A 113 -9.71 -3.19 -12.97
C CYS A 113 -8.33 -2.53 -12.89
N GLU A 114 -8.16 -1.52 -12.01
CA GLU A 114 -6.89 -0.82 -11.78
C GLU A 114 -5.83 -1.78 -11.24
N GLY A 115 -6.18 -2.52 -10.18
CA GLY A 115 -5.32 -3.51 -9.56
C GLY A 115 -4.96 -4.62 -10.53
N MET A 116 -5.97 -5.05 -11.33
CA MET A 116 -5.80 -6.10 -12.34
C MET A 116 -4.92 -5.66 -13.51
N ALA A 117 -4.98 -4.37 -13.91
CA ALA A 117 -4.16 -3.81 -14.98
C ALA A 117 -2.69 -3.80 -14.56
N TYR A 118 -2.42 -3.55 -13.26
CA TYR A 118 -1.08 -3.56 -12.68
C TYR A 118 -0.54 -4.99 -12.69
N LEU A 119 -1.36 -5.98 -12.28
CA LEU A 119 -0.99 -7.39 -12.26
C LEU A 119 -0.74 -7.92 -13.67
N GLU A 120 -1.58 -7.51 -14.64
CA GLU A 120 -1.47 -7.87 -16.05
C GLU A 120 -0.13 -7.39 -16.63
N GLU A 121 0.27 -6.15 -16.27
CA GLU A 121 1.53 -5.55 -16.71
C GLU A 121 2.74 -6.24 -16.06
N ALA A 122 2.57 -6.69 -14.80
CA ALA A 122 3.61 -7.39 -14.04
C ALA A 122 3.67 -8.90 -14.40
N CYS A 123 2.81 -9.33 -15.36
CA CYS A 123 2.67 -10.71 -15.85
C CYS A 123 2.28 -11.68 -14.73
N VAL A 124 1.37 -11.21 -13.85
CA VAL A 124 0.85 -11.97 -12.71
C VAL A 124 -0.60 -12.36 -13.00
N ILE A 125 -0.87 -13.67 -13.06
CA ILE A 125 -2.21 -14.22 -13.32
C ILE A 125 -2.84 -14.55 -11.96
N HIS A 126 -4.03 -13.99 -11.69
CA HIS A 126 -4.75 -14.20 -10.44
C HIS A 126 -5.25 -15.64 -10.29
N ARG A 127 -5.93 -16.17 -11.34
CA ARG A 127 -6.51 -17.53 -11.44
C ARG A 127 -7.83 -17.73 -10.70
N ASP A 128 -8.13 -16.90 -9.67
CA ASP A 128 -9.36 -17.02 -8.90
C ASP A 128 -10.01 -15.66 -8.60
N LEU A 129 -10.14 -14.81 -9.63
CA LEU A 129 -10.75 -13.50 -9.48
C LEU A 129 -12.27 -13.60 -9.36
N ALA A 130 -12.80 -13.16 -8.21
CA ALA A 130 -14.21 -13.17 -7.85
C ALA A 130 -14.46 -12.13 -6.76
N ALA A 131 -15.72 -11.70 -6.57
CA ALA A 131 -16.11 -10.73 -5.55
C ALA A 131 -15.71 -11.19 -4.14
N ARG A 132 -15.69 -12.52 -3.89
CA ARG A 132 -15.28 -13.12 -2.61
C ARG A 132 -13.78 -12.92 -2.33
N ASN A 133 -12.97 -12.71 -3.39
CA ASN A 133 -11.53 -12.49 -3.31
C ASN A 133 -11.13 -11.01 -3.44
N CYS A 134 -12.10 -10.11 -3.22
CA CYS A 134 -11.90 -8.66 -3.23
C CYS A 134 -12.33 -8.14 -1.87
N LEU A 135 -11.66 -7.09 -1.37
CA LEU A 135 -11.95 -6.54 -0.05
C LEU A 135 -12.41 -5.09 -0.11
N VAL A 136 -13.22 -4.68 0.89
CA VAL A 136 -13.78 -3.33 0.97
C VAL A 136 -13.18 -2.60 2.17
N GLY A 137 -12.55 -1.47 1.90
CA GLY A 137 -11.93 -0.63 2.93
C GLY A 137 -12.74 0.61 3.21
N GLU A 138 -12.11 1.62 3.83
CA GLU A 138 -12.76 2.89 4.14
C GLU A 138 -13.06 3.66 2.86
N ASN A 139 -14.22 4.34 2.82
CA ASN A 139 -14.74 5.11 1.67
C ASN A 139 -15.09 4.20 0.47
N GLN A 140 -15.42 2.93 0.77
CA GLN A 140 -15.81 1.86 -0.17
C GLN A 140 -14.74 1.53 -1.22
N VAL A 141 -13.45 1.76 -0.90
CA VAL A 141 -12.33 1.45 -1.80
C VAL A 141 -12.21 -0.08 -1.91
N ILE A 142 -12.07 -0.59 -3.14
CA ILE A 142 -11.94 -2.03 -3.35
C ILE A 142 -10.51 -2.40 -3.67
N LYS A 143 -10.01 -3.44 -2.99
CA LYS A 143 -8.68 -3.99 -3.20
C LYS A 143 -8.79 -5.46 -3.56
N VAL A 144 -8.01 -5.90 -4.56
CA VAL A 144 -7.96 -7.29 -4.99
C VAL A 144 -7.11 -8.04 -3.97
N SER A 145 -7.58 -9.23 -3.53
CA SER A 145 -6.87 -10.05 -2.55
C SER A 145 -6.51 -11.42 -3.15
N ASP A 146 -5.65 -12.19 -2.46
CA ASP A 146 -5.18 -13.55 -2.84
C ASP A 146 -4.71 -13.63 -4.29
N PHE A 147 -3.84 -12.69 -4.69
CA PHE A 147 -3.30 -12.56 -6.05
C PHE A 147 -1.89 -13.17 -6.25
N GLY A 148 -1.38 -13.83 -5.21
CA GLY A 148 -0.06 -14.45 -5.24
C GLY A 148 -0.05 -15.95 -5.50
N MET A 149 -1.23 -16.54 -5.76
CA MET A 149 -1.40 -17.98 -6.02
C MET A 149 -0.86 -18.38 -7.39
N PRO A 167 -13.81 -24.16 -9.43
CA PRO A 167 -14.91 -23.37 -9.99
C PRO A 167 -15.15 -23.62 -11.48
N VAL A 168 -16.16 -22.93 -12.04
CA VAL A 168 -16.58 -22.99 -13.44
C VAL A 168 -17.30 -21.68 -13.78
N LYS A 169 -17.96 -21.09 -12.76
CA LYS A 169 -18.71 -19.83 -12.84
C LYS A 169 -17.82 -18.65 -13.22
N TRP A 170 -16.59 -18.62 -12.67
CA TRP A 170 -15.59 -17.57 -12.91
C TRP A 170 -14.52 -18.01 -13.93
N ALA A 171 -14.55 -19.30 -14.33
CA ALA A 171 -13.59 -19.89 -15.27
C ALA A 171 -13.98 -19.69 -16.74
N SER A 172 -12.99 -19.32 -17.57
CA SER A 172 -13.14 -19.12 -19.02
C SER A 172 -13.19 -20.50 -19.74
N PRO A 173 -13.68 -20.60 -21.01
CA PRO A 173 -13.73 -21.92 -21.68
C PRO A 173 -12.40 -22.66 -21.77
N GLU A 174 -11.30 -21.95 -22.06
CA GLU A 174 -9.96 -22.54 -22.15
C GLU A 174 -9.41 -23.02 -20.77
N VAL A 175 -9.97 -22.49 -19.67
CA VAL A 175 -9.60 -22.86 -18.30
C VAL A 175 -10.33 -24.12 -17.83
N PHE A 176 -11.67 -24.17 -17.97
CA PHE A 176 -12.44 -25.33 -17.53
C PHE A 176 -12.28 -26.59 -18.40
N SER A 177 -11.72 -26.44 -19.62
CA SER A 177 -11.51 -27.55 -20.55
C SER A 177 -10.04 -27.92 -20.78
N PHE A 178 -9.12 -26.93 -20.79
CA PHE A 178 -7.70 -27.16 -21.05
C PHE A 178 -6.72 -26.56 -20.02
N SER A 179 -7.25 -25.89 -18.96
CA SER A 179 -6.46 -25.23 -17.89
C SER A 179 -5.43 -24.21 -18.40
N ARG A 180 -5.79 -23.47 -19.47
CA ARG A 180 -4.95 -22.46 -20.10
C ARG A 180 -5.18 -21.10 -19.42
N TYR A 181 -4.39 -20.82 -18.37
CA TYR A 181 -4.47 -19.58 -17.60
C TYR A 181 -3.63 -18.48 -18.22
N SER A 182 -4.21 -17.27 -18.31
CA SER A 182 -3.59 -16.05 -18.84
C SER A 182 -4.30 -14.83 -18.27
N SER A 183 -3.81 -13.61 -18.59
CA SER A 183 -4.47 -12.37 -18.15
C SER A 183 -5.84 -12.22 -18.82
N LYS A 184 -6.03 -12.84 -20.00
CA LYS A 184 -7.30 -12.84 -20.74
C LYS A 184 -8.32 -13.77 -20.08
N SER A 185 -7.85 -14.80 -19.34
CA SER A 185 -8.75 -15.69 -18.60
C SER A 185 -9.21 -14.97 -17.33
N ASP A 186 -8.34 -14.09 -16.77
CA ASP A 186 -8.65 -13.24 -15.61
C ASP A 186 -9.70 -12.20 -16.03
N VAL A 187 -9.64 -11.76 -17.32
CA VAL A 187 -10.59 -10.81 -17.92
C VAL A 187 -12.01 -11.40 -17.90
N TRP A 188 -12.14 -12.71 -18.23
CA TRP A 188 -13.41 -13.45 -18.21
C TRP A 188 -13.96 -13.44 -16.77
N SER A 189 -13.10 -13.76 -15.78
CA SER A 189 -13.44 -13.78 -14.35
C SER A 189 -13.92 -12.40 -13.90
N PHE A 190 -13.27 -11.33 -14.42
CA PHE A 190 -13.61 -9.93 -14.14
C PHE A 190 -15.02 -9.58 -14.66
N GLY A 191 -15.39 -10.16 -15.80
CA GLY A 191 -16.72 -10.00 -16.39
C GLY A 191 -17.79 -10.58 -15.49
N VAL A 192 -17.48 -11.72 -14.84
CA VAL A 192 -18.35 -12.41 -13.88
C VAL A 192 -18.39 -11.59 -12.57
N LEU A 193 -17.22 -11.01 -12.17
CA LEU A 193 -17.09 -10.14 -10.99
C LEU A 193 -17.97 -8.90 -11.20
N MET A 194 -17.94 -8.32 -12.41
CA MET A 194 -18.75 -7.16 -12.82
C MET A 194 -20.24 -7.46 -12.66
N TRP A 195 -20.65 -8.70 -13.00
CA TRP A 195 -22.02 -9.18 -12.86
C TRP A 195 -22.39 -9.26 -11.38
N GLU A 196 -21.48 -9.78 -10.53
CA GLU A 196 -21.67 -9.90 -9.08
C GLU A 196 -21.89 -8.52 -8.45
N VAL A 197 -21.10 -7.51 -8.89
CA VAL A 197 -21.18 -6.14 -8.41
C VAL A 197 -22.52 -5.48 -8.78
N PHE A 198 -22.86 -5.45 -10.09
CA PHE A 198 -24.10 -4.86 -10.57
C PHE A 198 -25.39 -5.57 -10.15
N SER A 199 -25.32 -6.88 -9.82
CA SER A 199 -26.47 -7.66 -9.33
C SER A 199 -26.54 -7.61 -7.80
N GLU A 200 -25.59 -6.88 -7.17
CA GLU A 200 -25.47 -6.67 -5.72
C GLU A 200 -25.25 -7.96 -4.91
N GLY A 201 -24.24 -8.72 -5.32
CA GLY A 201 -23.84 -9.94 -4.63
C GLY A 201 -24.63 -11.20 -4.91
N LYS A 202 -25.32 -11.25 -6.08
CA LYS A 202 -26.07 -12.44 -6.47
C LYS A 202 -25.11 -13.56 -6.88
N ILE A 203 -25.47 -14.82 -6.57
CA ILE A 203 -24.63 -15.99 -6.88
C ILE A 203 -24.74 -16.34 -8.36
N PRO A 204 -23.64 -16.26 -9.16
CA PRO A 204 -23.76 -16.57 -10.59
C PRO A 204 -24.08 -18.03 -10.90
N TYR A 205 -24.98 -18.24 -11.88
CA TYR A 205 -25.47 -19.55 -12.35
C TYR A 205 -26.17 -20.34 -11.25
N GLU A 212 -21.46 -29.06 -14.46
CA GLU A 212 -22.21 -28.89 -15.71
C GLU A 212 -22.58 -27.42 -16.03
N VAL A 213 -21.86 -26.44 -15.43
CA VAL A 213 -22.04 -25.01 -15.74
C VAL A 213 -21.23 -24.75 -17.02
N VAL A 214 -20.25 -25.64 -17.27
CA VAL A 214 -19.43 -25.76 -18.47
C VAL A 214 -20.32 -26.61 -19.38
N GLU A 215 -20.36 -26.29 -20.69
CA GLU A 215 -21.25 -26.92 -21.71
C GLU A 215 -22.51 -26.07 -21.82
N ASP A 216 -22.96 -25.47 -20.69
CA ASP A 216 -24.08 -24.55 -20.65
C ASP A 216 -23.58 -23.24 -21.29
N ILE A 217 -22.34 -22.83 -20.94
CA ILE A 217 -21.65 -21.65 -21.49
C ILE A 217 -21.11 -21.91 -22.92
N SER A 218 -20.87 -23.20 -23.26
CA SER A 218 -20.36 -23.61 -24.59
C SER A 218 -21.36 -23.35 -25.72
N THR A 219 -22.67 -23.45 -25.44
CA THR A 219 -23.72 -23.20 -26.43
C THR A 219 -23.92 -21.70 -26.67
N GLY A 220 -23.96 -20.93 -25.58
CA GLY A 220 -24.13 -19.48 -25.64
C GLY A 220 -24.74 -18.84 -24.40
N PHE A 221 -24.97 -19.64 -23.32
CA PHE A 221 -25.54 -19.12 -22.07
C PHE A 221 -24.52 -18.28 -21.32
N ARG A 222 -24.79 -16.98 -21.19
CA ARG A 222 -23.91 -16.02 -20.51
C ARG A 222 -24.35 -15.88 -19.05
N LEU A 223 -24.93 -14.73 -18.68
CA LEU A 223 -25.48 -14.39 -17.37
C LEU A 223 -26.44 -13.25 -17.65
N TYR A 224 -27.67 -13.34 -17.13
CA TYR A 224 -28.73 -12.33 -17.33
C TYR A 224 -28.26 -10.91 -16.99
N LYS A 225 -28.70 -9.91 -17.79
CA LYS A 225 -28.35 -8.50 -17.60
C LYS A 225 -28.94 -7.97 -16.29
N PRO A 226 -28.10 -7.53 -15.31
CA PRO A 226 -28.65 -7.00 -14.05
C PRO A 226 -29.34 -5.65 -14.27
N ARG A 227 -30.40 -5.38 -13.48
CA ARG A 227 -31.21 -4.15 -13.52
C ARG A 227 -30.37 -2.88 -13.45
N LEU A 228 -29.44 -2.79 -12.48
CA LEU A 228 -28.58 -1.61 -12.27
C LEU A 228 -27.49 -1.41 -13.34
N ALA A 229 -27.17 -2.46 -14.11
CA ALA A 229 -26.19 -2.38 -15.18
C ALA A 229 -26.83 -1.84 -16.46
N SER A 230 -26.27 -0.76 -17.01
CA SER A 230 -26.76 -0.15 -18.26
C SER A 230 -26.35 -1.00 -19.47
N THR A 231 -26.86 -0.66 -20.67
CA THR A 231 -26.53 -1.36 -21.92
C THR A 231 -25.02 -1.32 -22.19
N HIS A 232 -24.39 -0.15 -21.95
CA HIS A 232 -22.95 0.07 -22.12
C HIS A 232 -22.11 -0.76 -21.15
N VAL A 233 -22.61 -0.95 -19.90
CA VAL A 233 -21.94 -1.75 -18.86
C VAL A 233 -21.99 -3.24 -19.23
N TYR A 234 -23.20 -3.75 -19.59
CA TYR A 234 -23.40 -5.14 -20.01
C TYR A 234 -22.63 -5.49 -21.28
N GLN A 235 -22.40 -4.48 -22.15
CA GLN A 235 -21.63 -4.61 -23.40
C GLN A 235 -20.16 -4.94 -23.07
N ILE A 236 -19.61 -4.27 -22.03
CA ILE A 236 -18.24 -4.50 -21.55
C ILE A 236 -18.13 -5.91 -20.95
N MET A 237 -19.17 -6.34 -20.20
CA MET A 237 -19.27 -7.68 -19.61
C MET A 237 -19.21 -8.75 -20.70
N ASN A 238 -19.93 -8.54 -21.84
CA ASN A 238 -19.95 -9.45 -22.98
C ASN A 238 -18.61 -9.51 -23.70
N HIS A 239 -17.88 -8.37 -23.70
CA HIS A 239 -16.54 -8.27 -24.30
C HIS A 239 -15.56 -9.12 -23.50
N CYS A 240 -15.76 -9.20 -22.16
CA CYS A 240 -14.97 -10.03 -21.24
C CYS A 240 -15.34 -11.50 -21.48
N TRP A 241 -16.59 -11.75 -21.92
CA TRP A 241 -17.13 -13.10 -22.17
C TRP A 241 -17.00 -13.62 -23.60
N LYS A 242 -16.05 -13.08 -24.39
CA LYS A 242 -15.81 -13.57 -25.76
C LYS A 242 -15.19 -14.97 -25.67
N GLU A 243 -15.64 -15.90 -26.55
CA GLU A 243 -15.17 -17.29 -26.58
C GLU A 243 -13.65 -17.41 -26.71
N ARG A 244 -13.05 -16.62 -27.62
CA ARG A 244 -11.61 -16.62 -27.86
C ARG A 244 -10.93 -15.62 -26.90
N PRO A 245 -9.83 -16.03 -26.19
CA PRO A 245 -9.16 -15.08 -25.27
C PRO A 245 -8.59 -13.84 -25.96
N GLU A 246 -8.09 -14.00 -27.21
CA GLU A 246 -7.53 -12.91 -28.03
C GLU A 246 -8.56 -11.85 -28.41
N ASP A 247 -9.86 -12.21 -28.42
CA ASP A 247 -10.97 -11.30 -28.73
C ASP A 247 -11.38 -10.44 -27.52
N ARG A 248 -11.05 -10.90 -26.30
CA ARG A 248 -11.34 -10.18 -25.05
C ARG A 248 -10.38 -9.00 -24.89
N PRO A 249 -10.83 -7.83 -24.37
CA PRO A 249 -9.89 -6.72 -24.20
C PRO A 249 -8.97 -6.92 -22.99
N ALA A 250 -7.74 -6.36 -23.06
CA ALA A 250 -6.79 -6.42 -21.96
C ALA A 250 -7.28 -5.51 -20.82
N PHE A 251 -6.84 -5.75 -19.57
CA PHE A 251 -7.23 -4.93 -18.42
C PHE A 251 -6.88 -3.46 -18.59
N SER A 252 -5.77 -3.16 -19.29
CA SER A 252 -5.31 -1.81 -19.60
C SER A 252 -6.34 -1.09 -20.49
N ARG A 253 -6.94 -1.81 -21.46
CA ARG A 253 -7.95 -1.29 -22.37
C ARG A 253 -9.30 -1.17 -21.64
N LEU A 254 -9.70 -2.22 -20.87
CA LEU A 254 -10.93 -2.27 -20.08
C LEU A 254 -11.06 -1.09 -19.13
N LEU A 255 -9.94 -0.71 -18.49
CA LEU A 255 -9.87 0.38 -17.52
C LEU A 255 -10.35 1.70 -18.12
N ARG A 256 -9.84 2.05 -19.32
CA ARG A 256 -10.21 3.27 -20.04
C ARG A 256 -11.63 3.19 -20.59
N GLN A 257 -12.11 1.98 -20.95
CA GLN A 257 -13.46 1.75 -21.44
C GLN A 257 -14.49 1.97 -20.32
N LEU A 258 -14.18 1.48 -19.11
CA LEU A 258 -15.01 1.64 -17.92
C LEU A 258 -15.04 3.10 -17.46
N ALA A 259 -13.89 3.79 -17.55
CA ALA A 259 -13.74 5.21 -17.18
C ALA A 259 -14.56 6.13 -18.10
N GLU A 260 -14.70 5.75 -19.39
CA GLU A 260 -15.47 6.46 -20.41
C GLU A 260 -16.97 6.50 -20.05
N ILE A 261 -17.51 5.36 -19.56
CA ILE A 261 -18.92 5.22 -19.14
C ILE A 261 -19.22 6.11 -17.93
N ALA A 262 -18.30 6.13 -16.94
CA ALA A 262 -18.40 6.93 -15.72
C ALA A 262 -18.44 8.44 -16.02
N GLU A 263 -17.67 8.89 -17.02
CA GLU A 263 -17.60 10.28 -17.45
C GLU A 263 -18.87 10.70 -18.18
N SER A 264 -19.41 9.82 -19.05
CA SER A 264 -20.63 10.06 -19.82
C SER A 264 -21.85 9.43 -19.16
N GLY B 1 6.86 -0.54 -15.25
CA GLY B 1 6.23 0.34 -16.23
C GLY B 1 5.17 1.24 -15.63
N SER B 2 3.90 0.83 -15.77
CA SER B 2 2.69 1.53 -15.30
C SER B 2 2.54 2.94 -15.88
N VAL B 3 2.68 3.04 -17.22
CA VAL B 3 2.58 4.29 -17.97
C VAL B 3 1.13 4.81 -18.04
N ILE B 4 0.94 6.10 -17.67
CA ILE B 4 -0.34 6.81 -17.67
C ILE B 4 -0.25 7.96 -18.69
N ASP B 5 -1.24 8.06 -19.58
CA ASP B 5 -1.34 9.11 -20.61
C ASP B 5 -1.66 10.47 -19.94
N PRO B 6 -1.08 11.61 -20.41
CA PRO B 6 -1.37 12.91 -19.76
C PRO B 6 -2.84 13.33 -19.75
N SER B 7 -3.64 12.84 -20.72
CA SER B 7 -5.08 13.13 -20.84
C SER B 7 -5.89 12.51 -19.69
N GLU B 8 -5.36 11.47 -19.03
CA GLU B 8 -5.99 10.77 -17.91
C GLU B 8 -5.86 11.55 -16.59
N LEU B 9 -4.96 12.53 -16.54
CA LEU B 9 -4.72 13.35 -15.34
C LEU B 9 -5.39 14.70 -15.40
N THR B 10 -6.04 15.09 -14.29
CA THR B 10 -6.71 16.38 -14.11
C THR B 10 -5.94 17.11 -12.99
N PHE B 11 -5.30 18.23 -13.32
CA PHE B 11 -4.55 19.02 -12.34
C PHE B 11 -5.49 20.01 -11.67
N VAL B 12 -5.70 19.83 -10.35
CA VAL B 12 -6.65 20.64 -9.57
C VAL B 12 -5.99 21.82 -8.84
N GLN B 13 -4.98 21.55 -7.99
CA GLN B 13 -4.34 22.59 -7.18
C GLN B 13 -2.91 22.22 -6.78
N GLU B 14 -2.00 23.21 -6.83
CA GLU B 14 -0.61 23.04 -6.38
C GLU B 14 -0.65 22.99 -4.85
N ILE B 15 -0.09 21.92 -4.27
CA ILE B 15 -0.11 21.68 -2.82
C ILE B 15 1.28 21.65 -2.16
N GLY B 16 2.32 21.49 -2.97
CA GLY B 16 3.70 21.43 -2.50
C GLY B 16 4.71 21.82 -3.57
N SER B 17 5.88 22.35 -3.14
CA SER B 17 6.97 22.78 -4.02
C SER B 17 8.33 22.47 -3.42
N GLY B 18 9.26 22.04 -4.27
CA GLY B 18 10.63 21.70 -3.89
C GLY B 18 11.58 21.63 -5.07
N GLY B 21 10.48 18.26 -7.02
CA GLY B 21 9.85 19.32 -7.79
C GLY B 21 8.54 19.81 -7.22
N LEU B 22 7.51 19.98 -8.08
CA LEU B 22 6.19 20.46 -7.68
C LEU B 22 5.23 19.30 -7.42
N VAL B 23 4.35 19.47 -6.42
CA VAL B 23 3.32 18.49 -6.05
C VAL B 23 1.94 19.12 -6.28
N HIS B 24 1.07 18.42 -7.02
CA HIS B 24 -0.28 18.88 -7.32
C HIS B 24 -1.34 17.89 -6.86
N LEU B 25 -2.45 18.40 -6.34
CA LEU B 25 -3.62 17.59 -6.02
C LEU B 25 -4.32 17.42 -7.35
N GLY B 26 -4.72 16.19 -7.67
CA GLY B 26 -5.39 15.91 -8.93
C GLY B 26 -6.28 14.69 -8.93
N TYR B 27 -6.74 14.32 -10.12
CA TYR B 27 -7.59 13.16 -10.35
C TYR B 27 -7.04 12.33 -11.51
N TRP B 28 -7.06 11.00 -11.35
CA TRP B 28 -6.66 10.08 -12.41
C TRP B 28 -7.95 9.41 -12.89
N LEU B 29 -8.21 9.47 -14.21
CA LEU B 29 -9.41 8.92 -14.88
C LEU B 29 -10.71 9.53 -14.32
N ASN B 30 -10.65 10.81 -13.85
CA ASN B 30 -11.76 11.56 -13.24
C ASN B 30 -12.42 10.76 -12.10
N LYS B 31 -11.62 9.96 -11.38
CA LYS B 31 -12.09 9.09 -10.31
C LYS B 31 -11.23 9.18 -9.03
N ASP B 32 -9.99 8.68 -9.08
CA ASP B 32 -9.11 8.64 -7.92
C ASP B 32 -8.39 9.93 -7.65
N LYS B 33 -8.47 10.38 -6.39
CA LYS B 33 -7.76 11.56 -5.89
C LYS B 33 -6.28 11.15 -5.87
N VAL B 34 -5.43 11.92 -6.56
CA VAL B 34 -4.00 11.61 -6.68
C VAL B 34 -3.11 12.81 -6.34
N ALA B 35 -1.85 12.53 -5.99
CA ALA B 35 -0.83 13.54 -5.74
C ALA B 35 0.18 13.39 -6.88
N ILE B 36 0.17 14.36 -7.81
CA ILE B 36 1.02 14.36 -8.99
C ILE B 36 2.32 15.11 -8.70
N LYS B 37 3.46 14.40 -8.79
CA LYS B 37 4.77 14.98 -8.55
C LYS B 37 5.51 15.20 -9.88
N THR B 38 5.62 16.48 -10.31
CA THR B 38 6.30 16.89 -11.54
C THR B 38 7.77 17.21 -11.25
N ILE B 39 8.67 17.01 -12.24
CA ILE B 39 10.11 17.32 -12.12
C ILE B 39 10.38 18.80 -11.85
N ALA B 43 17.01 20.10 -12.83
CA ALA B 43 17.49 19.84 -11.47
C ALA B 43 17.82 18.36 -11.25
N MET B 44 17.09 17.46 -11.93
CA MET B 44 17.28 16.01 -11.84
C MET B 44 16.94 15.33 -13.17
N SER B 45 17.71 14.30 -13.55
CA SER B 45 17.53 13.55 -14.79
C SER B 45 16.22 12.76 -14.83
N GLU B 46 15.67 12.57 -16.04
CA GLU B 46 14.42 11.83 -16.28
C GLU B 46 14.55 10.34 -15.94
N GLU B 47 15.75 9.75 -16.20
CA GLU B 47 16.05 8.34 -15.95
C GLU B 47 16.01 7.97 -14.46
N ASP B 48 16.63 8.80 -13.58
CA ASP B 48 16.66 8.60 -12.14
C ASP B 48 15.29 8.78 -11.50
N PHE B 49 14.50 9.75 -12.01
CA PHE B 49 13.15 10.08 -11.55
C PHE B 49 12.16 8.93 -11.79
N ILE B 50 12.31 8.24 -12.95
CA ILE B 50 11.48 7.10 -13.32
C ILE B 50 11.93 5.82 -12.60
N GLU B 51 13.27 5.65 -12.41
CA GLU B 51 13.85 4.50 -11.71
C GLU B 51 13.40 4.44 -10.24
N GLU B 52 13.29 5.61 -9.59
CA GLU B 52 12.84 5.75 -8.20
C GLU B 52 11.42 5.21 -8.04
N ALA B 53 10.54 5.49 -9.03
CA ALA B 53 9.16 5.03 -9.06
C ALA B 53 9.07 3.52 -9.28
N GLU B 54 9.92 2.97 -10.19
CA GLU B 54 10.00 1.55 -10.51
C GLU B 54 10.39 0.72 -9.28
N VAL B 55 11.32 1.27 -8.45
CA VAL B 55 11.78 0.67 -7.21
C VAL B 55 10.63 0.66 -6.19
N MET B 56 9.95 1.81 -6.03
CA MET B 56 8.82 2.01 -5.09
C MET B 56 7.63 1.13 -5.43
N MET B 57 7.35 0.91 -6.73
CA MET B 57 6.23 0.10 -7.20
C MET B 57 6.37 -1.41 -6.91
N LYS B 58 7.58 -1.84 -6.52
CA LYS B 58 7.86 -3.23 -6.17
C LYS B 58 8.06 -3.42 -4.64
N LEU B 59 7.80 -2.36 -3.84
CA LEU B 59 7.94 -2.39 -2.39
C LEU B 59 6.58 -2.15 -1.75
N SER B 60 5.91 -3.24 -1.34
CA SER B 60 4.57 -3.21 -0.77
C SER B 60 4.53 -3.41 0.74
N HIS B 61 4.23 -2.33 1.47
CA HIS B 61 4.10 -2.32 2.92
C HIS B 61 3.05 -1.27 3.32
N PRO B 62 2.16 -1.56 4.32
CA PRO B 62 1.15 -0.56 4.71
C PRO B 62 1.68 0.80 5.16
N LYS B 63 2.97 0.90 5.52
CA LYS B 63 3.60 2.14 5.99
C LYS B 63 4.59 2.75 4.99
N LEU B 64 4.41 2.41 3.70
CA LEU B 64 5.20 2.94 2.58
C LEU B 64 4.22 3.44 1.54
N VAL B 65 4.42 4.69 1.07
CA VAL B 65 3.57 5.33 0.07
C VAL B 65 3.49 4.52 -1.23
N GLN B 66 2.32 4.55 -1.88
CA GLN B 66 2.08 3.80 -3.11
C GLN B 66 1.86 4.71 -4.32
N LEU B 67 2.16 4.18 -5.50
CA LEU B 67 2.01 4.88 -6.77
C LEU B 67 0.94 4.21 -7.62
N TYR B 68 0.22 5.02 -8.41
CA TYR B 68 -0.75 4.53 -9.37
C TYR B 68 0.00 4.28 -10.68
N GLY B 69 1.05 5.07 -10.91
CA GLY B 69 1.89 4.94 -12.10
C GLY B 69 2.76 6.13 -12.42
N VAL B 70 3.25 6.15 -13.67
CA VAL B 70 4.15 7.19 -14.20
C VAL B 70 3.58 7.82 -15.48
N CYS B 71 3.91 9.09 -15.73
CA CYS B 71 3.49 9.81 -16.93
C CYS B 71 4.76 10.22 -17.69
N LEU B 72 5.04 9.51 -18.79
CA LEU B 72 6.24 9.67 -19.62
C LEU B 72 6.08 10.53 -20.87
N GLU B 73 4.93 10.42 -21.57
CA GLU B 73 4.59 11.09 -22.84
C GLU B 73 5.07 12.52 -23.07
N GLN B 74 4.89 13.43 -22.10
CA GLN B 74 5.29 14.83 -22.26
C GLN B 74 6.00 15.45 -21.07
N ALA B 75 6.95 16.36 -21.35
CA ALA B 75 7.74 17.08 -20.36
C ALA B 75 6.96 18.33 -19.86
N PRO B 76 6.96 18.63 -18.54
CA PRO B 76 7.66 17.96 -17.44
C PRO B 76 7.01 16.63 -17.01
N ILE B 77 7.81 15.54 -17.00
CA ILE B 77 7.38 14.19 -16.62
C ILE B 77 6.95 14.11 -15.15
N CYS B 78 5.96 13.25 -14.85
CA CYS B 78 5.42 13.15 -13.50
C CYS B 78 5.13 11.75 -12.97
N LEU B 79 5.15 11.61 -11.63
CA LEU B 79 4.83 10.38 -10.91
C LEU B 79 3.45 10.56 -10.29
N VAL B 80 2.58 9.56 -10.45
CA VAL B 80 1.21 9.60 -9.95
C VAL B 80 1.11 8.76 -8.66
N PHE B 81 1.10 9.45 -7.52
CA PHE B 81 1.04 8.84 -6.18
C PHE B 81 -0.38 8.82 -5.66
N GLU B 82 -0.63 7.94 -4.66
CA GLU B 82 -1.89 7.91 -3.94
C GLU B 82 -1.96 9.22 -3.14
N PHE B 83 -3.16 9.76 -2.94
CA PHE B 83 -3.30 11.01 -2.21
C PHE B 83 -3.40 10.77 -0.70
N MET B 84 -2.49 11.41 0.06
CA MET B 84 -2.45 11.33 1.52
C MET B 84 -3.09 12.59 2.07
N GLU B 85 -4.28 12.42 2.69
CA GLU B 85 -5.17 13.48 3.19
C GLU B 85 -4.57 14.59 4.06
N HIS B 86 -3.57 14.27 4.89
CA HIS B 86 -2.98 15.26 5.79
C HIS B 86 -1.57 15.78 5.45
N GLY B 87 -1.11 15.51 4.23
CA GLY B 87 0.18 15.98 3.72
C GLY B 87 1.40 15.46 4.45
N CYS B 88 2.52 16.22 4.34
CA CYS B 88 3.80 15.89 4.95
CA CYS B 88 3.78 15.83 4.96
C CYS B 88 3.74 15.93 6.48
N LEU B 89 4.38 14.96 7.15
CA LEU B 89 4.43 14.84 8.60
C LEU B 89 4.94 16.09 9.31
N SER B 90 6.02 16.71 8.79
CA SER B 90 6.61 17.93 9.35
C SER B 90 5.60 19.08 9.47
N ASP B 91 4.81 19.34 8.41
CA ASP B 91 3.78 20.38 8.41
C ASP B 91 2.58 20.02 9.28
N TYR B 92 2.18 18.73 9.28
CA TYR B 92 1.05 18.24 10.08
C TYR B 92 1.30 18.41 11.58
N LEU B 93 2.53 18.11 12.05
CA LEU B 93 2.94 18.24 13.46
C LEU B 93 2.91 19.70 13.91
N ARG B 94 3.35 20.62 13.03
CA ARG B 94 3.41 22.06 13.28
C ARG B 94 2.01 22.70 13.39
N THR B 95 1.10 22.37 12.45
CA THR B 95 -0.27 22.91 12.43
C THR B 95 -1.14 22.37 13.56
N GLN B 96 -0.92 21.10 13.95
CA GLN B 96 -1.69 20.44 15.02
C GLN B 96 -0.96 20.43 16.38
N ARG B 97 0.04 21.34 16.55
CA ARG B 97 0.84 21.46 17.77
C ARG B 97 -0.04 21.78 18.99
N GLY B 98 0.20 21.06 20.09
CA GLY B 98 -0.55 21.21 21.33
C GLY B 98 -1.78 20.32 21.43
N LEU B 99 -2.18 19.70 20.30
CA LEU B 99 -3.35 18.82 20.22
C LEU B 99 -2.99 17.33 20.22
N PHE B 100 -1.69 17.01 20.33
CA PHE B 100 -1.19 15.63 20.34
C PHE B 100 -0.94 15.07 21.73
N ALA B 101 -1.33 13.81 21.93
CA ALA B 101 -1.05 13.07 23.17
C ALA B 101 0.27 12.36 22.90
N ALA B 102 1.08 12.10 23.95
CA ALA B 102 2.39 11.42 23.82
C ALA B 102 2.27 10.04 23.15
N GLU B 103 1.14 9.34 23.39
CA GLU B 103 0.82 8.02 22.83
C GLU B 103 0.66 8.10 21.30
N THR B 104 0.05 9.19 20.79
CA THR B 104 -0.17 9.42 19.35
C THR B 104 1.18 9.65 18.66
N LEU B 105 2.06 10.47 19.26
CA LEU B 105 3.40 10.77 18.76
C LEU B 105 4.27 9.51 18.67
N LEU B 106 4.18 8.61 19.68
CA LEU B 106 4.91 7.35 19.70
C LEU B 106 4.40 6.42 18.58
N GLY B 107 3.08 6.44 18.35
CA GLY B 107 2.41 5.67 17.30
C GLY B 107 2.89 6.07 15.92
N MET B 108 3.16 7.37 15.72
CA MET B 108 3.69 7.94 14.47
C MET B 108 5.10 7.41 14.22
N CYS B 109 5.94 7.36 15.28
CA CYS B 109 7.31 6.83 15.22
C CYS B 109 7.30 5.34 14.90
N LEU B 110 6.34 4.60 15.47
CA LEU B 110 6.16 3.16 15.24
C LEU B 110 5.78 2.88 13.79
N ASP B 111 4.90 3.72 13.20
CA ASP B 111 4.48 3.60 11.79
C ASP B 111 5.70 3.73 10.88
N VAL B 112 6.52 4.78 11.08
CA VAL B 112 7.74 5.04 10.31
C VAL B 112 8.71 3.86 10.47
N CYS B 113 8.91 3.39 11.72
CA CYS B 113 9.80 2.28 12.05
C CYS B 113 9.40 0.97 11.37
N GLU B 114 8.08 0.75 11.16
CA GLU B 114 7.56 -0.44 10.46
C GLU B 114 7.98 -0.43 8.98
N GLY B 115 7.75 0.70 8.32
CA GLY B 115 8.12 0.91 6.92
C GLY B 115 9.61 0.78 6.72
N MET B 116 10.40 1.37 7.63
CA MET B 116 11.86 1.34 7.62
C MET B 116 12.43 -0.05 7.87
N ALA B 117 11.77 -0.85 8.76
CA ALA B 117 12.18 -2.22 9.06
C ALA B 117 12.00 -3.10 7.82
N TYR B 118 10.94 -2.83 7.02
CA TYR B 118 10.67 -3.52 5.76
C TYR B 118 11.75 -3.16 4.73
N LEU B 119 12.11 -1.86 4.64
CA LEU B 119 13.13 -1.36 3.72
C LEU B 119 14.51 -1.91 4.05
N GLU B 120 14.82 -2.01 5.37
CA GLU B 120 16.05 -2.55 5.92
C GLU B 120 16.21 -4.02 5.49
N GLU B 121 15.14 -4.84 5.66
CA GLU B 121 15.13 -6.25 5.28
C GLU B 121 15.25 -6.45 3.77
N ALA B 122 14.67 -5.52 2.97
CA ALA B 122 14.73 -5.54 1.51
C ALA B 122 16.07 -4.97 0.99
N CYS B 123 16.93 -4.51 1.92
CA CYS B 123 18.25 -3.90 1.67
C CYS B 123 18.14 -2.61 0.85
N VAL B 124 17.11 -1.80 1.16
CA VAL B 124 16.84 -0.51 0.53
C VAL B 124 17.21 0.59 1.53
N ILE B 125 18.16 1.45 1.16
CA ILE B 125 18.62 2.57 1.98
C ILE B 125 17.86 3.82 1.53
N HIS B 126 17.17 4.49 2.46
CA HIS B 126 16.39 5.69 2.17
C HIS B 126 17.28 6.87 1.75
N ARG B 127 18.32 7.18 2.56
CA ARG B 127 19.31 8.25 2.37
C ARG B 127 18.82 9.66 2.75
N ASP B 128 17.50 9.86 2.83
CA ASP B 128 16.92 11.17 3.17
C ASP B 128 15.69 11.06 4.08
N LEU B 129 15.81 10.25 5.16
CA LEU B 129 14.70 10.07 6.09
C LEU B 129 14.56 11.30 7.00
N ALA B 130 13.38 11.94 6.93
CA ALA B 130 13.02 13.14 7.70
C ALA B 130 11.50 13.23 7.75
N ALA B 131 10.95 14.02 8.69
CA ALA B 131 9.50 14.22 8.82
C ALA B 131 8.88 14.77 7.53
N ARG B 132 9.63 15.62 6.79
CA ARG B 132 9.19 16.20 5.51
C ARG B 132 9.04 15.14 4.40
N ASN B 133 9.72 13.97 4.56
CA ASN B 133 9.67 12.85 3.62
C ASN B 133 8.73 11.71 4.10
N CYS B 134 7.82 12.04 5.03
CA CYS B 134 6.81 11.13 5.56
C CYS B 134 5.45 11.78 5.34
N LEU B 135 4.42 10.98 5.06
CA LEU B 135 3.07 11.49 4.78
C LEU B 135 2.04 11.01 5.80
N VAL B 136 0.98 11.83 6.00
CA VAL B 136 -0.10 11.54 6.96
C VAL B 136 -1.40 11.27 6.20
N GLY B 137 -1.98 10.09 6.44
CA GLY B 137 -3.23 9.69 5.81
C GLY B 137 -4.40 9.77 6.79
N GLU B 138 -5.45 8.99 6.53
CA GLU B 138 -6.63 8.94 7.40
C GLU B 138 -6.31 8.17 8.68
N ASN B 139 -6.87 8.64 9.81
CA ASN B 139 -6.69 8.10 11.16
C ASN B 139 -5.24 8.29 11.66
N GLN B 140 -4.56 9.34 11.15
CA GLN B 140 -3.18 9.74 11.47
C GLN B 140 -2.12 8.65 11.15
N VAL B 141 -2.40 7.79 10.16
CA VAL B 141 -1.49 6.73 9.73
C VAL B 141 -0.32 7.39 8.98
N ILE B 142 0.92 7.07 9.38
CA ILE B 142 2.11 7.63 8.75
C ILE B 142 2.72 6.65 7.76
N LYS B 143 3.07 7.15 6.57
CA LYS B 143 3.73 6.38 5.53
C LYS B 143 5.04 7.05 5.14
N VAL B 144 6.08 6.24 4.90
CA VAL B 144 7.38 6.74 4.47
C VAL B 144 7.30 7.00 2.96
N SER B 145 7.76 8.18 2.51
CA SER B 145 7.77 8.57 1.11
C SER B 145 9.19 8.80 0.59
N ASP B 146 9.35 8.93 -0.75
CA ASP B 146 10.62 9.17 -1.45
C ASP B 146 11.73 8.17 -1.04
N PHE B 147 11.38 6.87 -0.99
CA PHE B 147 12.26 5.78 -0.58
C PHE B 147 12.96 5.02 -1.73
N GLY B 148 12.76 5.47 -2.96
CA GLY B 148 13.33 4.84 -4.14
C GLY B 148 14.58 5.47 -4.71
N MET B 149 15.12 6.53 -4.05
CA MET B 149 16.32 7.23 -4.48
C MET B 149 17.58 6.41 -4.19
N THR B 150 18.33 6.06 -5.24
CA THR B 150 19.58 5.28 -5.13
C THR B 150 20.68 5.97 -5.93
N PRO B 167 21.05 17.61 3.15
CA PRO B 167 20.44 17.90 4.46
C PRO B 167 21.21 17.24 5.60
N VAL B 168 22.27 17.95 6.04
CA VAL B 168 23.21 17.57 7.11
C VAL B 168 22.55 17.35 8.49
N LYS B 169 21.43 18.02 8.77
CA LYS B 169 20.70 17.92 10.04
C LYS B 169 20.18 16.51 10.36
N TRP B 170 19.95 15.68 9.32
CA TRP B 170 19.48 14.29 9.42
C TRP B 170 20.59 13.29 9.10
N ALA B 171 21.77 13.78 8.70
CA ALA B 171 22.92 12.95 8.33
C ALA B 171 23.74 12.45 9.51
N SER B 172 24.12 11.16 9.46
CA SER B 172 24.96 10.51 10.48
C SER B 172 26.43 10.99 10.28
N PRO B 173 27.33 10.87 11.29
CA PRO B 173 28.72 11.33 11.09
C PRO B 173 29.44 10.70 9.90
N GLU B 174 29.27 9.38 9.68
CA GLU B 174 29.89 8.68 8.55
C GLU B 174 29.31 9.11 7.18
N VAL B 175 28.12 9.75 7.19
CA VAL B 175 27.47 10.26 5.98
C VAL B 175 27.97 11.67 5.66
N PHE B 176 27.89 12.62 6.62
CA PHE B 176 28.35 13.98 6.39
C PHE B 176 29.86 14.13 6.19
N SER B 177 30.65 13.14 6.63
CA SER B 177 32.11 13.15 6.51
C SER B 177 32.64 12.23 5.40
N PHE B 178 32.05 11.02 5.23
CA PHE B 178 32.55 10.03 4.25
C PHE B 178 31.54 9.45 3.26
N SER B 179 30.27 9.95 3.26
CA SER B 179 29.18 9.48 2.39
C SER B 179 28.92 7.96 2.49
N ARG B 180 29.12 7.40 3.69
CA ARG B 180 28.93 5.98 3.97
C ARG B 180 27.48 5.71 4.36
N TYR B 181 26.63 5.49 3.35
CA TYR B 181 25.21 5.21 3.54
C TYR B 181 24.96 3.74 3.80
N SER B 182 24.07 3.45 4.76
CA SER B 182 23.64 2.11 5.17
C SER B 182 22.29 2.23 5.89
N SER B 183 21.71 1.09 6.31
CA SER B 183 20.47 1.11 7.09
C SER B 183 20.73 1.74 8.46
N LYS B 184 21.98 1.65 8.96
CA LYS B 184 22.39 2.24 10.23
C LYS B 184 22.49 3.77 10.17
N SER B 185 22.75 4.33 8.96
CA SER B 185 22.77 5.78 8.77
C SER B 185 21.31 6.28 8.71
N ASP B 186 20.38 5.45 8.19
CA ASP B 186 18.95 5.75 8.18
C ASP B 186 18.42 5.74 9.61
N VAL B 187 19.01 4.89 10.49
CA VAL B 187 18.66 4.78 11.91
C VAL B 187 18.93 6.11 12.61
N TRP B 188 20.09 6.75 12.32
CA TRP B 188 20.45 8.07 12.86
C TRP B 188 19.40 9.10 12.45
N SER B 189 19.02 9.10 11.14
CA SER B 189 18.01 9.99 10.56
C SER B 189 16.67 9.78 11.26
N PHE B 190 16.33 8.51 11.59
CA PHE B 190 15.10 8.14 12.31
C PHE B 190 15.09 8.72 13.72
N GLY B 191 16.27 8.77 14.35
CA GLY B 191 16.46 9.37 15.67
C GLY B 191 16.11 10.84 15.63
N VAL B 192 16.53 11.54 14.54
CA VAL B 192 16.22 12.95 14.32
C VAL B 192 14.71 13.08 14.00
N LEU B 193 14.16 12.17 13.18
CA LEU B 193 12.73 12.12 12.84
C LEU B 193 11.89 11.96 14.12
N MET B 194 12.36 11.10 15.06
CA MET B 194 11.73 10.88 16.36
C MET B 194 11.67 12.19 17.16
N TRP B 195 12.77 12.96 17.13
CA TRP B 195 12.89 14.26 17.78
C TRP B 195 11.89 15.24 17.16
N GLU B 196 11.78 15.24 15.81
CA GLU B 196 10.84 16.10 15.07
C GLU B 196 9.40 15.82 15.50
N VAL B 197 9.04 14.54 15.66
CA VAL B 197 7.70 14.10 16.08
C VAL B 197 7.39 14.54 17.50
N PHE B 198 8.24 14.16 18.48
CA PHE B 198 8.06 14.50 19.90
C PHE B 198 8.16 16.00 20.22
N SER B 199 8.88 16.78 19.39
CA SER B 199 8.98 18.24 19.56
C SER B 199 7.87 18.97 18.78
N GLU B 200 6.96 18.20 18.15
CA GLU B 200 5.81 18.66 17.38
C GLU B 200 6.15 19.54 16.17
N GLY B 201 7.09 19.07 15.35
CA GLY B 201 7.50 19.73 14.12
C GLY B 201 8.53 20.83 14.24
N LYS B 202 9.31 20.86 15.35
CA LYS B 202 10.37 21.85 15.53
C LYS B 202 11.53 21.54 14.56
N ILE B 203 12.25 22.57 14.14
CA ILE B 203 13.38 22.43 13.22
C ILE B 203 14.61 21.96 14.02
N PRO B 204 15.23 20.79 13.68
CA PRO B 204 16.43 20.37 14.42
C PRO B 204 17.60 21.28 14.12
N TYR B 205 18.41 21.63 15.16
CA TYR B 205 19.57 22.54 15.06
C TYR B 205 19.17 23.85 14.35
N GLU B 206 18.05 24.46 14.78
CA GLU B 206 17.50 25.69 14.18
C GLU B 206 18.48 26.85 14.25
N ASN B 207 18.66 27.55 13.10
CA ASN B 207 19.55 28.70 12.89
C ASN B 207 21.06 28.35 12.92
N ARG B 208 21.39 27.05 12.88
CA ARG B 208 22.78 26.58 12.85
C ARG B 208 23.15 26.23 11.41
N SER B 209 24.35 26.65 10.98
CA SER B 209 24.85 26.36 9.64
C SER B 209 25.36 24.91 9.57
N ASN B 210 25.63 24.42 8.34
CA ASN B 210 26.16 23.07 8.09
C ASN B 210 27.45 22.81 8.86
N SER B 211 28.32 23.83 8.97
CA SER B 211 29.60 23.77 9.69
C SER B 211 29.38 23.65 11.20
N GLU B 212 28.42 24.42 11.75
CA GLU B 212 28.08 24.46 13.18
C GLU B 212 27.51 23.13 13.69
N VAL B 213 26.62 22.48 12.91
CA VAL B 213 26.00 21.20 13.26
C VAL B 213 27.04 20.05 13.28
N VAL B 214 27.96 20.03 12.28
CA VAL B 214 29.04 19.03 12.16
C VAL B 214 29.98 19.14 13.38
N GLU B 215 30.33 20.38 13.78
CA GLU B 215 31.19 20.68 14.92
C GLU B 215 30.55 20.27 16.25
N ASP B 216 29.22 20.46 16.39
CA ASP B 216 28.45 20.11 17.59
C ASP B 216 28.44 18.60 17.86
N ILE B 217 28.03 17.80 16.85
CA ILE B 217 27.94 16.33 16.93
C ILE B 217 29.29 15.67 17.22
N SER B 218 30.37 16.16 16.57
CA SER B 218 31.74 15.68 16.73
C SER B 218 32.25 15.78 18.17
N THR B 219 31.88 16.85 18.90
CA THR B 219 32.25 17.08 20.29
C THR B 219 31.42 16.24 21.28
N GLY B 220 30.17 15.95 20.91
CA GLY B 220 29.26 15.15 21.73
C GLY B 220 27.89 15.73 21.94
N PHE B 221 27.60 16.89 21.31
CA PHE B 221 26.30 17.57 21.42
C PHE B 221 25.22 16.79 20.67
N ARG B 222 24.07 16.60 21.33
CA ARG B 222 22.91 15.92 20.77
C ARG B 222 21.67 16.77 21.01
N LEU B 223 20.63 16.60 20.17
CA LEU B 223 19.38 17.36 20.28
C LEU B 223 18.75 17.16 21.66
N TYR B 224 18.24 18.25 22.26
CA TYR B 224 17.62 18.26 23.60
C TYR B 224 16.40 17.34 23.69
N LYS B 225 16.09 16.87 24.91
CA LYS B 225 14.94 16.01 25.16
C LYS B 225 13.66 16.85 25.07
N PRO B 226 12.75 16.58 24.09
CA PRO B 226 11.50 17.35 24.03
C PRO B 226 10.61 17.02 25.23
N ARG B 227 9.82 18.00 25.69
CA ARG B 227 8.92 17.91 26.84
C ARG B 227 8.03 16.64 26.81
N LEU B 228 7.41 16.35 25.66
CA LEU B 228 6.51 15.19 25.48
C LEU B 228 7.22 13.84 25.37
N ALA B 229 8.56 13.83 25.25
CA ALA B 229 9.34 12.60 25.17
C ALA B 229 9.75 12.14 26.56
N SER B 230 9.43 10.88 26.90
CA SER B 230 9.79 10.30 28.20
C SER B 230 11.29 9.95 28.23
N THR B 231 11.82 9.61 29.42
CA THR B 231 13.22 9.23 29.62
C THR B 231 13.58 8.02 28.74
N HIS B 232 12.67 7.04 28.64
CA HIS B 232 12.82 5.84 27.81
C HIS B 232 12.83 6.15 26.31
N VAL B 233 11.98 7.10 25.87
CA VAL B 233 11.89 7.54 24.47
C VAL B 233 13.21 8.24 24.07
N TYR B 234 13.73 9.13 24.95
CA TYR B 234 15.00 9.83 24.74
C TYR B 234 16.19 8.88 24.73
N GLN B 235 16.11 7.77 25.49
CA GLN B 235 17.14 6.73 25.53
C GLN B 235 17.25 6.06 24.15
N ILE B 236 16.09 5.78 23.51
CA ILE B 236 16.00 5.18 22.17
C ILE B 236 16.61 6.15 21.13
N MET B 237 16.31 7.45 21.27
CA MET B 237 16.82 8.53 20.41
C MET B 237 18.36 8.57 20.45
N ASN B 238 18.94 8.46 21.67
CA ASN B 238 20.39 8.46 21.87
C ASN B 238 21.06 7.19 21.35
N HIS B 239 20.31 6.06 21.31
CA HIS B 239 20.78 4.78 20.79
C HIS B 239 20.90 4.89 19.26
N CYS B 240 19.99 5.67 18.63
CA CYS B 240 20.01 5.98 17.20
C CYS B 240 21.17 6.93 16.91
N TRP B 241 21.53 7.76 17.91
CA TRP B 241 22.59 8.77 17.78
C TRP B 241 23.98 8.34 18.28
N LYS B 242 24.25 7.02 18.29
CA LYS B 242 25.58 6.50 18.68
C LYS B 242 26.56 6.80 17.55
N GLU B 243 27.78 7.26 17.91
CA GLU B 243 28.84 7.64 16.96
C GLU B 243 29.16 6.56 15.93
N ARG B 244 29.31 5.31 16.37
CA ARG B 244 29.60 4.17 15.48
C ARG B 244 28.29 3.57 14.95
N PRO B 245 28.18 3.32 13.62
CA PRO B 245 26.94 2.72 13.08
C PRO B 245 26.63 1.33 13.62
N GLU B 246 27.68 0.54 13.96
CA GLU B 246 27.56 -0.81 14.52
C GLU B 246 26.94 -0.84 15.92
N ASP B 247 27.03 0.29 16.65
CA ASP B 247 26.50 0.45 18.01
C ASP B 247 25.01 0.83 18.00
N ARG B 248 24.51 1.36 16.86
CA ARG B 248 23.12 1.74 16.68
C ARG B 248 22.25 0.48 16.51
N PRO B 249 21.00 0.45 17.04
CA PRO B 249 20.17 -0.74 16.83
C PRO B 249 19.56 -0.76 15.43
N ALA B 250 19.29 -1.96 14.90
CA ALA B 250 18.66 -2.11 13.59
C ALA B 250 17.18 -1.75 13.72
N PHE B 251 16.53 -1.35 12.61
CA PHE B 251 15.10 -0.99 12.61
C PHE B 251 14.21 -2.11 13.15
N SER B 252 14.55 -3.38 12.84
CA SER B 252 13.83 -4.56 13.31
C SER B 252 13.85 -4.64 14.86
N ARG B 253 14.99 -4.24 15.48
CA ARG B 253 15.15 -4.20 16.93
C ARG B 253 14.41 -2.99 17.51
N LEU B 254 14.60 -1.79 16.90
CA LEU B 254 13.96 -0.53 17.32
C LEU B 254 12.45 -0.64 17.38
N LEU B 255 11.85 -1.34 16.39
CA LEU B 255 10.41 -1.57 16.30
C LEU B 255 9.84 -2.21 17.58
N ARG B 256 10.50 -3.27 18.08
CA ARG B 256 10.09 -3.99 19.28
C ARG B 256 10.37 -3.18 20.55
N GLN B 257 11.46 -2.38 20.54
CA GLN B 257 11.85 -1.51 21.66
C GLN B 257 10.82 -0.39 21.84
N LEU B 258 10.37 0.22 20.73
CA LEU B 258 9.35 1.28 20.73
C LEU B 258 7.98 0.72 21.13
N ALA B 259 7.65 -0.51 20.67
CA ALA B 259 6.39 -1.21 20.98
C ALA B 259 6.31 -1.54 22.47
N GLU B 260 7.45 -1.90 23.10
CA GLU B 260 7.55 -2.23 24.53
C GLU B 260 7.27 -1.01 25.41
N ILE B 261 7.69 0.20 24.96
CA ILE B 261 7.46 1.47 25.65
C ILE B 261 5.98 1.86 25.58
N ALA B 262 5.33 1.60 24.42
CA ALA B 262 3.91 1.89 24.20
C ALA B 262 3.00 0.99 25.03
N GLU B 263 3.35 -0.32 25.14
CA GLU B 263 2.60 -1.33 25.90
C GLU B 263 2.56 -1.06 27.39
N SER B 264 3.67 -0.56 27.98
CA SER B 264 3.78 -0.25 29.40
C SER B 264 3.19 1.12 29.74
N GLY B 265 3.98 2.18 29.54
CA GLY B 265 3.56 3.55 29.81
C GLY B 265 4.66 4.56 29.55
#